data_5ETO
#
_entry.id   5ETO
#
_cell.length_a   35.770
_cell.length_b   57.750
_cell.length_c   38.420
_cell.angle_alpha   90.00
_cell.angle_beta   115.46
_cell.angle_gamma   90.00
#
_symmetry.space_group_name_H-M   'P 1 21 1'
#
loop_
_entity.id
_entity.type
_entity.pdbx_description
1 polymer '2-amino-4-hydroxy-6-hydroxymethyldihydropteridine pyrophosphokinase'
2 non-polymer 4-[(2-azanyl-6-oxidanylidene-1,9-dihydropurin-8-yl)sulfanylmethyl]-3-fluoranyl-benzenecarbonitrile
3 non-polymer 'DIPHOSPHOMETHYLPHOSPHONIC ACID ADENOSYL ESTER'
4 non-polymer 'CALCIUM ION'
5 non-polymer 'CHLORIDE ION'
6 water water
#
_entity_poly.entity_id   1
_entity_poly.type   'polypeptide(L)'
_entity_poly.pdbx_seq_one_letter_code
;GSAMTVAYIAIGSNLASPLEQVNAALKALGDIPESHILTVSSFYRTPPLGPQDQPDYLNAAVALETSLAPEELLNHTQRI
ELQQGRVRKAERWGPRTLDLDIMLFGNEVINTERLTVPHYDMKNRGFMLWPLFEIAPELVFPDGEMLRQILHTRAFDKLN
KW
;
_entity_poly.pdbx_strand_id   A
#
loop_
_chem_comp.id
_chem_comp.type
_chem_comp.name
_chem_comp.formula
5RY non-polymer 4-[(2-azanyl-6-oxidanylidene-1,9-dihydropurin-8-yl)sulfanylmethyl]-3-fluoranyl-benzenecarbonitrile 'C13 H9 F N6 O S'
APC non-polymer 'DIPHOSPHOMETHYLPHOSPHONIC ACID ADENOSYL ESTER' 'C11 H18 N5 O12 P3'
CA non-polymer 'CALCIUM ION' 'Ca 2'
CL non-polymer 'CHLORIDE ION' 'Cl -1'
#
# COMPACT_ATOMS: atom_id res chain seq x y z
N MET A 4 17.59 8.87 5.58
CA MET A 4 16.60 7.91 5.14
C MET A 4 15.36 7.99 6.00
N THR A 5 14.27 7.54 5.39
N THR A 5 14.25 7.56 5.42
CA THR A 5 12.96 7.47 6.01
CA THR A 5 13.11 7.26 6.21
C THR A 5 12.42 6.08 5.69
C THR A 5 12.43 6.04 5.70
N VAL A 6 11.53 5.52 6.49
CA VAL A 6 10.78 4.33 6.11
C VAL A 6 9.40 4.73 5.63
N ALA A 7 9.12 4.40 4.37
CA ALA A 7 7.80 4.56 3.80
C ALA A 7 7.09 3.23 3.86
N TYR A 8 5.80 3.30 4.01
CA TYR A 8 4.97 2.08 4.01
C TYR A 8 4.00 2.19 2.87
N ILE A 9 4.03 1.20 1.99
CA ILE A 9 3.28 1.20 0.72
C ILE A 9 2.28 0.06 0.77
N ALA A 10 1.04 0.39 0.52
CA ALA A 10 -0.01 -0.64 0.37
C ALA A 10 -0.04 -1.09 -1.06
N ILE A 11 -0.20 -2.38 -1.26
CA ILE A 11 -0.31 -2.99 -2.59
C ILE A 11 -1.66 -3.61 -2.73
N GLY A 12 -2.33 -3.35 -3.86
CA GLY A 12 -3.54 -4.03 -4.22
C GLY A 12 -3.50 -4.42 -5.68
N SER A 13 -4.15 -5.56 -5.99
CA SER A 13 -4.36 -5.97 -7.35
C SER A 13 -5.57 -6.86 -7.41
N ASN A 14 -6.45 -6.66 -8.39
CA ASN A 14 -7.55 -7.62 -8.59
C ASN A 14 -7.77 -7.95 -10.04
N LEU A 15 -6.83 -7.68 -10.91
CA LEU A 15 -6.95 -7.99 -12.32
C LEU A 15 -5.66 -8.62 -12.83
N ALA A 16 -5.81 -9.47 -13.86
CA ALA A 16 -4.68 -9.93 -14.66
C ALA A 16 -3.65 -10.69 -13.82
N SER A 17 -4.18 -11.63 -13.02
CA SER A 17 -3.36 -12.50 -12.18
CA SER A 17 -3.43 -12.51 -12.14
C SER A 17 -2.71 -11.73 -11.05
N PRO A 18 -3.46 -11.38 -10.01
CA PRO A 18 -2.90 -10.57 -8.94
C PRO A 18 -1.60 -11.06 -8.36
N LEU A 19 -1.42 -12.38 -8.16
CA LEU A 19 -0.16 -12.85 -7.59
C LEU A 19 1.02 -12.48 -8.49
N GLU A 20 0.83 -12.65 -9.80
CA GLU A 20 1.85 -12.25 -10.74
C GLU A 20 2.10 -10.73 -10.68
N GLN A 21 1.02 -9.95 -10.62
CA GLN A 21 1.20 -8.50 -10.58
C GLN A 21 1.98 -8.10 -9.33
N VAL A 22 1.63 -8.70 -8.19
CA VAL A 22 2.24 -8.26 -6.94
C VAL A 22 3.70 -8.71 -6.87
N ASN A 23 3.97 -9.93 -7.33
CA ASN A 23 5.38 -10.35 -7.38
C ASN A 23 6.19 -9.46 -8.30
N ALA A 24 5.62 -9.10 -9.45
CA ALA A 24 6.34 -8.20 -10.37
C ALA A 24 6.54 -6.84 -9.68
N ALA A 25 5.55 -6.36 -8.94
CA ALA A 25 5.65 -5.08 -8.31
C ALA A 25 6.73 -5.07 -7.26
N LEU A 26 6.91 -6.17 -6.54
CA LEU A 26 7.94 -6.26 -5.50
C LEU A 26 9.31 -6.15 -6.15
N LYS A 27 9.47 -6.75 -7.32
N LYS A 27 9.52 -6.74 -7.32
CA LYS A 27 10.74 -6.66 -8.02
CA LYS A 27 10.79 -6.59 -8.03
C LYS A 27 10.97 -5.17 -8.43
C LYS A 27 11.00 -5.13 -8.44
N ALA A 28 9.93 -4.50 -8.97
CA ALA A 28 10.03 -3.12 -9.39
C ALA A 28 10.26 -2.19 -8.22
N LEU A 29 9.61 -2.43 -7.10
CA LEU A 29 9.84 -1.62 -5.89
C LEU A 29 11.29 -1.69 -5.45
N GLY A 30 11.90 -2.88 -5.54
CA GLY A 30 13.34 -2.99 -5.20
C GLY A 30 14.23 -2.14 -6.11
N ASP A 31 13.79 -1.99 -7.35
CA ASP A 31 14.54 -1.23 -8.33
C ASP A 31 14.36 0.28 -8.24
N ILE A 32 13.51 0.75 -7.35
CA ILE A 32 13.40 2.19 -7.13
C ILE A 32 14.75 2.66 -6.62
N PRO A 33 15.28 3.75 -7.14
CA PRO A 33 16.55 4.27 -6.67
C PRO A 33 16.46 4.87 -5.25
N GLU A 34 17.60 4.93 -4.59
CA GLU A 34 17.73 5.51 -3.28
C GLU A 34 16.84 4.81 -2.24
N SER A 35 16.55 3.54 -2.51
CA SER A 35 15.48 2.86 -1.75
C SER A 35 15.77 1.37 -1.64
N HIS A 36 15.35 0.74 -0.54
CA HIS A 36 15.51 -0.68 -0.29
C HIS A 36 14.26 -1.19 0.41
N ILE A 37 13.75 -2.33 -0.06
CA ILE A 37 12.69 -3.00 0.68
C ILE A 37 13.24 -3.56 1.99
N LEU A 38 12.59 -3.26 3.10
CA LEU A 38 12.95 -3.85 4.38
C LEU A 38 12.10 -5.08 4.71
N THR A 39 10.81 -5.04 4.39
CA THR A 39 9.89 -6.05 4.90
C THR A 39 8.72 -6.15 3.94
N VAL A 40 8.27 -7.38 3.67
CA VAL A 40 7.08 -7.64 2.87
C VAL A 40 6.11 -8.42 3.72
N SER A 41 4.83 -7.98 3.72
CA SER A 41 3.82 -8.69 4.46
C SER A 41 3.44 -9.99 3.73
N SER A 42 2.62 -10.78 4.42
CA SER A 42 1.88 -11.83 3.72
C SER A 42 0.97 -11.20 2.66
N PHE A 43 0.52 -12.04 1.76
CA PHE A 43 -0.48 -11.64 0.75
C PHE A 43 -1.84 -12.08 1.29
N TYR A 44 -2.84 -11.20 1.19
CA TYR A 44 -4.18 -11.43 1.72
C TYR A 44 -5.18 -11.35 0.61
N ARG A 45 -6.19 -12.25 0.62
CA ARG A 45 -7.26 -12.25 -0.36
C ARG A 45 -8.46 -11.57 0.28
N THR A 46 -8.85 -10.41 -0.20
CA THR A 46 -9.80 -9.57 0.47
C THR A 46 -10.98 -9.29 -0.41
N PRO A 47 -12.18 -9.29 0.16
CA PRO A 47 -13.38 -8.95 -0.64
C PRO A 47 -13.33 -7.46 -0.97
N PRO A 48 -13.84 -7.06 -2.17
CA PRO A 48 -13.72 -5.69 -2.58
C PRO A 48 -14.63 -4.81 -1.75
N LEU A 49 -14.10 -3.68 -1.32
CA LEU A 49 -14.87 -2.68 -0.65
C LEU A 49 -15.11 -1.52 -1.59
N GLY A 50 -16.26 -0.86 -1.41
CA GLY A 50 -16.74 0.10 -2.36
C GLY A 50 -17.54 -0.63 -3.40
N PRO A 51 -17.27 -0.43 -4.68
CA PRO A 51 -17.93 -1.28 -5.66
C PRO A 51 -17.57 -2.75 -5.43
N GLN A 52 -18.56 -3.60 -5.40
CA GLN A 52 -18.36 -5.00 -5.07
C GLN A 52 -18.44 -5.92 -6.27
N ASP A 53 -18.81 -5.37 -7.43
CA ASP A 53 -18.92 -6.16 -8.66
C ASP A 53 -17.57 -6.24 -9.37
N GLN A 54 -16.60 -6.79 -8.66
CA GLN A 54 -15.23 -6.92 -9.16
C GLN A 54 -14.61 -8.11 -8.43
N PRO A 55 -13.50 -8.64 -8.95
CA PRO A 55 -12.84 -9.75 -8.27
C PRO A 55 -12.25 -9.34 -6.94
N ASP A 56 -12.02 -10.35 -6.10
CA ASP A 56 -11.32 -10.12 -4.85
C ASP A 56 -9.92 -9.57 -5.11
N TYR A 57 -9.44 -8.80 -4.13
CA TYR A 57 -8.09 -8.22 -4.18
C TYR A 57 -7.06 -9.14 -3.52
N LEU A 58 -5.87 -9.04 -4.06
CA LEU A 58 -4.66 -9.37 -3.28
C LEU A 58 -4.19 -8.09 -2.68
N ASN A 59 -4.15 -8.01 -1.34
CA ASN A 59 -3.60 -6.88 -0.63
C ASN A 59 -2.36 -7.29 0.15
N ALA A 60 -1.42 -6.34 0.25
CA ALA A 60 -0.20 -6.54 0.98
C ALA A 60 0.33 -5.16 1.39
N ALA A 61 1.41 -5.19 2.13
CA ALA A 61 2.13 -3.96 2.50
C ALA A 61 3.61 -4.23 2.46
N VAL A 62 4.35 -3.18 2.15
CA VAL A 62 5.80 -3.20 2.10
CA VAL A 62 5.81 -3.24 2.20
C VAL A 62 6.36 -2.05 2.91
N ALA A 63 7.44 -2.27 3.63
CA ALA A 63 8.26 -1.23 4.24
C ALA A 63 9.42 -0.94 3.31
N LEU A 64 9.56 0.28 2.86
CA LEU A 64 10.57 0.69 1.90
C LEU A 64 11.40 1.79 2.56
N GLU A 65 12.69 1.53 2.85
CA GLU A 65 13.58 2.58 3.35
C GLU A 65 14.00 3.42 2.14
N THR A 66 13.95 4.74 2.26
CA THR A 66 14.24 5.56 1.11
C THR A 66 14.86 6.88 1.54
N SER A 67 15.67 7.42 0.65
N SER A 67 15.67 7.43 0.64
CA SER A 67 16.08 8.82 0.73
CA SER A 67 16.09 8.83 0.74
C SER A 67 15.47 9.66 -0.35
C SER A 67 15.47 9.70 -0.36
N LEU A 68 14.53 9.14 -1.12
CA LEU A 68 13.80 9.96 -2.06
C LEU A 68 12.92 10.97 -1.35
N ALA A 69 12.64 12.04 -2.03
CA ALA A 69 11.56 12.93 -1.60
C ALA A 69 10.23 12.17 -1.76
N PRO A 70 9.23 12.53 -0.95
CA PRO A 70 7.94 11.84 -1.06
C PRO A 70 7.32 11.84 -2.41
N GLU A 71 7.34 12.96 -3.11
CA GLU A 71 6.79 12.98 -4.47
C GLU A 71 7.64 12.25 -5.47
N GLU A 72 8.94 12.11 -5.20
CA GLU A 72 9.77 11.30 -6.10
C GLU A 72 9.40 9.82 -5.90
N LEU A 73 9.12 9.42 -4.65
CA LEU A 73 8.64 8.07 -4.46
C LEU A 73 7.32 7.85 -5.22
N LEU A 74 6.40 8.82 -5.13
CA LEU A 74 5.15 8.74 -5.89
C LEU A 74 5.42 8.61 -7.37
N ASN A 75 6.40 9.36 -7.89
CA ASN A 75 6.73 9.23 -9.30
C ASN A 75 7.01 7.82 -9.69
N HIS A 76 7.81 7.13 -8.87
CA HIS A 76 8.14 5.75 -9.14
C HIS A 76 6.98 4.83 -8.96
N THR A 77 6.19 4.99 -7.90
CA THR A 77 5.07 4.05 -7.74
C THR A 77 4.04 4.23 -8.86
N GLN A 78 3.80 5.44 -9.30
CA GLN A 78 2.90 5.65 -10.45
C GLN A 78 3.48 5.04 -11.70
N ARG A 79 4.78 5.21 -11.93
CA ARG A 79 5.42 4.60 -13.10
C ARG A 79 5.23 3.13 -13.10
N ILE A 80 5.46 2.48 -11.93
CA ILE A 80 5.31 1.03 -11.86
C ILE A 80 3.88 0.59 -12.16
N GLU A 81 2.90 1.28 -11.59
CA GLU A 81 1.54 0.95 -11.92
C GLU A 81 1.26 1.05 -13.42
N LEU A 82 1.69 2.15 -14.04
CA LEU A 82 1.46 2.32 -15.48
C LEU A 82 2.19 1.29 -16.30
N GLN A 83 3.42 0.92 -15.88
CA GLN A 83 4.20 -0.06 -16.61
C GLN A 83 3.64 -1.45 -16.44
N GLN A 84 2.81 -1.69 -15.41
CA GLN A 84 2.08 -2.94 -15.23
C GLN A 84 0.63 -2.85 -15.72
N GLY A 85 0.40 -1.94 -16.61
CA GLY A 85 -0.78 -1.96 -17.39
C GLY A 85 -1.97 -1.38 -16.74
N ARG A 86 -1.77 -0.57 -15.71
CA ARG A 86 -2.90 0.09 -15.15
C ARG A 86 -3.48 1.11 -16.14
N VAL A 87 -4.79 1.01 -16.34
CA VAL A 87 -5.57 1.83 -17.28
C VAL A 87 -6.66 2.50 -16.44
N ARG A 88 -6.80 3.78 -16.64
CA ARG A 88 -7.87 4.55 -15.97
C ARG A 88 -9.15 4.44 -16.74
N LYS A 89 -10.19 3.95 -16.07
CA LYS A 89 -11.53 3.94 -16.57
C LYS A 89 -12.33 5.01 -15.88
N ALA A 90 -13.48 5.32 -16.42
CA ALA A 90 -14.33 6.39 -15.88
C ALA A 90 -14.90 6.08 -14.46
N GLU A 91 -15.22 4.82 -14.18
CA GLU A 91 -15.89 4.41 -12.96
C GLU A 91 -15.01 4.68 -11.78
N ARG A 92 -15.60 5.19 -10.74
CA ARG A 92 -14.90 5.41 -9.51
C ARG A 92 -14.51 4.08 -8.84
N TRP A 93 -13.25 3.94 -8.42
CA TRP A 93 -12.82 2.77 -7.60
C TRP A 93 -13.05 1.46 -8.37
N GLY A 94 -12.75 1.49 -9.65
CA GLY A 94 -12.85 0.28 -10.43
C GLY A 94 -11.68 -0.67 -10.18
N PRO A 95 -11.74 -1.86 -10.79
CA PRO A 95 -10.65 -2.83 -10.62
C PRO A 95 -9.41 -2.36 -11.32
N ARG A 96 -8.27 -2.91 -10.86
CA ARG A 96 -6.97 -2.48 -11.42
C ARG A 96 -5.95 -3.60 -11.31
N THR A 97 -5.03 -3.54 -12.25
CA THR A 97 -3.91 -4.48 -12.25
C THR A 97 -2.96 -4.28 -11.08
N LEU A 98 -2.75 -3.02 -10.70
CA LEU A 98 -1.86 -2.72 -9.61
C LEU A 98 -2.20 -1.37 -9.03
N ASP A 99 -2.22 -1.30 -7.70
CA ASP A 99 -2.43 -0.07 -6.98
C ASP A 99 -1.37 -0.02 -5.87
N LEU A 100 -0.59 1.06 -5.89
CA LEU A 100 0.47 1.31 -4.92
C LEU A 100 0.17 2.63 -4.20
N ASP A 101 -0.40 2.50 -3.01
CA ASP A 101 -0.76 3.65 -2.22
C ASP A 101 0.35 3.91 -1.20
N ILE A 102 0.84 5.15 -1.11
CA ILE A 102 1.78 5.48 -0.08
C ILE A 102 0.99 5.73 1.18
N MET A 103 1.07 4.80 2.13
CA MET A 103 0.32 4.91 3.38
C MET A 103 0.94 5.97 4.28
N LEU A 104 2.25 5.81 4.49
CA LEU A 104 3.03 6.60 5.45
C LEU A 104 4.38 6.87 4.84
N PHE A 105 4.94 8.03 5.20
CA PHE A 105 6.27 8.41 4.78
C PHE A 105 6.99 8.91 5.99
N GLY A 106 7.62 8.00 6.74
CA GLY A 106 8.08 8.35 8.06
C GLY A 106 6.95 8.87 8.92
N ASN A 107 7.31 9.92 9.67
CA ASN A 107 6.34 10.57 10.53
C ASN A 107 5.76 11.78 9.82
N GLU A 108 6.03 11.95 8.52
CA GLU A 108 5.66 13.13 7.79
C GLU A 108 4.17 13.25 7.50
N VAL A 109 3.68 14.47 7.52
CA VAL A 109 2.34 14.82 7.05
C VAL A 109 2.51 15.64 5.80
N ILE A 110 1.97 15.15 4.70
CA ILE A 110 2.28 15.71 3.39
C ILE A 110 0.94 16.02 2.82
N ASN A 111 0.84 17.20 2.25
CA ASN A 111 -0.37 17.63 1.59
C ASN A 111 0.05 18.48 0.39
N THR A 112 0.32 17.84 -0.73
CA THR A 112 0.67 18.56 -1.96
C THR A 112 -0.44 18.33 -2.97
N GLU A 113 -0.31 18.86 -4.20
CA GLU A 113 -1.34 18.65 -5.20
C GLU A 113 -1.47 17.17 -5.52
N ARG A 114 -0.37 16.46 -5.57
CA ARG A 114 -0.38 15.06 -6.00
C ARG A 114 -0.40 14.03 -4.87
N LEU A 115 -0.11 14.42 -3.65
CA LEU A 115 0.19 13.44 -2.60
C LEU A 115 -0.40 13.90 -1.27
N THR A 116 -1.17 13.01 -0.63
CA THR A 116 -1.69 13.19 0.72
C THR A 116 -1.26 12.00 1.57
N VAL A 117 -0.45 12.27 2.58
CA VAL A 117 0.07 11.26 3.48
C VAL A 117 -0.08 11.77 4.90
N PRO A 118 -0.49 10.94 5.86
CA PRO A 118 -0.97 9.56 5.71
C PRO A 118 -2.08 9.43 4.72
N HIS A 119 -2.20 8.25 4.12
CA HIS A 119 -3.34 7.98 3.25
C HIS A 119 -4.60 8.30 4.02
N TYR A 120 -5.49 9.02 3.32
CA TYR A 120 -6.61 9.66 3.99
C TYR A 120 -7.59 8.72 4.69
N ASP A 121 -7.68 7.46 4.27
CA ASP A 121 -8.64 6.52 4.79
C ASP A 121 -8.03 5.29 5.40
N MET A 122 -6.70 5.24 5.53
CA MET A 122 -6.07 3.96 5.92
C MET A 122 -6.52 3.49 7.29
N LYS A 123 -6.79 4.42 8.22
CA LYS A 123 -7.17 3.99 9.56
C LYS A 123 -8.53 3.33 9.64
N ASN A 124 -9.24 3.32 8.52
CA ASN A 124 -10.55 2.68 8.41
C ASN A 124 -10.55 1.41 7.60
N ARG A 125 -9.36 0.94 7.14
CA ARG A 125 -9.30 -0.13 6.17
C ARG A 125 -8.49 -1.29 6.72
N GLY A 126 -9.13 -2.38 7.07
CA GLY A 126 -8.41 -3.54 7.56
C GLY A 126 -7.42 -4.08 6.57
N PHE A 127 -7.73 -4.00 5.27
CA PHE A 127 -6.85 -4.52 4.24
C PHE A 127 -5.54 -3.72 4.12
N MET A 128 -5.50 -2.53 4.72
CA MET A 128 -4.26 -1.78 4.85
C MET A 128 -3.63 -2.01 6.21
N LEU A 129 -4.44 -1.95 7.29
CA LEU A 129 -3.88 -1.99 8.62
C LEU A 129 -3.35 -3.36 9.03
N TRP A 130 -4.02 -4.45 8.65
CA TRP A 130 -3.53 -5.75 9.10
C TRP A 130 -2.18 -6.12 8.47
N PRO A 131 -1.98 -5.92 7.14
CA PRO A 131 -0.64 -6.20 6.60
C PRO A 131 0.39 -5.23 7.17
N LEU A 132 0.01 -4.00 7.44
CA LEU A 132 0.92 -3.06 8.07
C LEU A 132 1.34 -3.55 9.43
N PHE A 133 0.42 -4.00 10.23
CA PHE A 133 0.73 -4.51 11.58
C PHE A 133 1.62 -5.74 11.50
N GLU A 134 1.45 -6.56 10.50
CA GLU A 134 2.32 -7.72 10.32
C GLU A 134 3.76 -7.32 10.19
N ILE A 135 4.03 -6.25 9.46
CA ILE A 135 5.40 -5.80 9.20
C ILE A 135 5.91 -4.78 10.16
N ALA A 136 5.05 -4.09 10.88
CA ALA A 136 5.43 -2.97 11.73
C ALA A 136 4.52 -2.92 12.94
N PRO A 137 4.57 -3.91 13.82
CA PRO A 137 3.61 -3.98 14.92
C PRO A 137 3.75 -2.82 15.87
N GLU A 138 4.91 -2.20 15.93
CA GLU A 138 5.17 -1.12 16.86
C GLU A 138 4.81 0.27 16.31
N LEU A 139 4.20 0.32 15.13
CA LEU A 139 4.02 1.56 14.42
C LEU A 139 3.16 2.55 15.20
N VAL A 140 3.61 3.79 15.20
CA VAL A 140 2.93 4.95 15.71
C VAL A 140 2.73 5.92 14.55
N PHE A 141 1.52 6.41 14.36
CA PHE A 141 1.17 7.36 13.33
C PHE A 141 1.70 8.72 13.65
N PRO A 142 1.69 9.65 12.67
CA PRO A 142 2.16 11.03 12.92
C PRO A 142 1.39 11.72 14.04
N ASP A 143 0.11 11.41 14.21
CA ASP A 143 -0.69 12.00 15.24
C ASP A 143 -0.60 11.29 16.59
N GLY A 144 0.38 10.40 16.76
CA GLY A 144 0.57 9.67 17.99
C GLY A 144 -0.29 8.45 18.17
N GLU A 145 -1.26 8.20 17.28
CA GLU A 145 -2.10 7.03 17.46
C GLU A 145 -1.26 5.78 17.21
N MET A 146 -1.50 4.76 18.03
CA MET A 146 -0.77 3.52 17.87
C MET A 146 -1.53 2.54 17.00
N LEU A 147 -0.86 1.93 16.03
CA LEU A 147 -1.49 0.92 15.21
C LEU A 147 -2.09 -0.20 16.04
N ARG A 148 -1.35 -0.68 17.04
CA ARG A 148 -1.86 -1.76 17.85
C ARG A 148 -3.18 -1.37 18.51
N GLN A 149 -3.32 -0.11 18.95
CA GLN A 149 -4.53 0.33 19.67
C GLN A 149 -5.72 0.41 18.71
N ILE A 150 -5.50 0.88 17.50
CA ILE A 150 -6.57 0.90 16.50
C ILE A 150 -7.08 -0.52 16.28
N LEU A 151 -6.16 -1.45 16.05
CA LEU A 151 -6.57 -2.81 15.76
C LEU A 151 -7.16 -3.53 16.96
N HIS A 152 -6.80 -3.10 18.17
CA HIS A 152 -7.36 -3.70 19.36
C HIS A 152 -8.81 -3.25 19.55
N THR A 153 -9.07 -2.00 19.28
CA THR A 153 -10.30 -1.33 19.66
C THR A 153 -11.37 -1.34 18.58
N ARG A 154 -10.97 -1.21 17.33
CA ARG A 154 -11.96 -1.11 16.26
C ARG A 154 -12.25 -2.42 15.56
N ALA A 155 -13.51 -2.59 15.17
CA ALA A 155 -13.98 -3.81 14.57
C ALA A 155 -13.57 -3.76 13.12
N PHE A 156 -12.70 -4.66 12.79
CA PHE A 156 -12.39 -4.92 11.44
C PHE A 156 -12.66 -6.38 11.21
N ASP A 157 -13.13 -6.69 10.04
CA ASP A 157 -13.21 -8.11 9.66
C ASP A 157 -11.82 -8.78 9.61
N LYS A 158 -11.79 -10.04 10.04
CA LYS A 158 -10.61 -10.87 9.93
C LYS A 158 -10.15 -10.98 8.43
N LEU A 159 -8.84 -10.94 8.18
CA LEU A 159 -8.31 -11.11 6.80
C LEU A 159 -7.84 -12.52 6.65
N ASN A 160 -8.05 -13.09 5.47
CA ASN A 160 -7.49 -14.36 5.10
C ASN A 160 -6.35 -14.23 4.16
N LYS A 161 -5.33 -15.05 4.38
CA LYS A 161 -4.21 -15.06 3.50
C LYS A 161 -4.60 -15.60 2.12
N TRP A 162 -3.84 -15.15 1.10
CA TRP A 162 -4.03 -15.53 -0.29
C TRP A 162 -3.81 -17.03 -0.55
C1 5RY B . -15.66 1.26 1.26
C2 5RY B . -14.74 2.37 -0.67
C3 5RY B . -13.67 2.62 -1.47
C4 5RY B . -13.34 1.13 0.78
C5 5RY B . -14.59 1.62 0.46
C6 5RY B . -12.40 2.12 -1.24
C7 5RY B . -9.44 -1.88 -2.47
C8 5RY B . -12.28 1.37 -0.09
C9 5RY B . -10.74 -2.26 -2.24
C10 5RY B . -8.43 -2.74 -2.08
C11 5RY B . -10.15 -4.12 -1.20
C12 5RY B . -10.72 -0.31 -3.25
C13 5RY B . -11.22 2.28 -2.25
N14 5RY B . -16.57 0.94 1.93
N15 5RY B . -11.16 -3.36 -1.59
N16 5RY B . -11.51 -1.27 -2.72
N17 5RY B . -8.85 -3.86 -1.39
N18 5RY B . -9.43 -0.69 -3.12
N19 5RY B . -10.43 -5.24 -0.53
O20 5RY B . -7.16 -2.57 -2.23
F21 5RY B . -11.13 0.84 0.25
S22 5RY B . -11.27 1.16 -3.91
PG APC C . -8.16 5.28 -2.55
O1G APC C . -7.48 4.04 -2.01
O2G APC C . -7.23 6.44 -2.49
O3G APC C . -9.53 5.58 -1.94
PB APC C . -7.53 4.75 -5.33
O1B APC C . -8.27 3.96 -6.30
O2B APC C . -6.25 4.15 -4.79
O3B APC C . -8.50 4.99 -4.07
PA APC C . -6.18 6.39 -7.44
O1A APC C . -7.01 6.57 -8.65
O2A APC C . -5.24 5.20 -7.39
C3A APC C . -7.18 6.42 -5.99
O5' APC C . -5.15 7.67 -7.33
C5' APC C . -5.59 8.97 -7.62
C4' APC C . -4.40 9.88 -7.26
O4' APC C . -4.14 9.79 -5.85
C3' APC C . -3.05 9.70 -7.89
O3' APC C . -2.96 10.10 -9.21
C2' APC C . -2.12 10.46 -6.89
O2' APC C . -1.72 11.71 -7.43
C1' APC C . -3.02 10.67 -5.67
N9 APC C . -2.46 10.37 -4.36
C8 APC C . -2.68 11.21 -3.29
N7 APC C . -2.17 10.70 -2.17
C5 APC C . -1.63 9.51 -2.57
C6 APC C . -1.02 8.49 -1.79
N6 APC C . -0.86 8.59 -0.47
N1 APC C . -0.56 7.41 -2.46
C2 APC C . -0.76 7.33 -3.77
N3 APC C . -1.35 8.21 -4.60
C4 APC C . -1.80 9.28 -3.92
CA CA D . -4.04 4.46 -5.56
CA CA E . -6.16 2.46 -3.13
CA CA F . -1.71 24.80 -5.38
CA CA G . -19.06 -1.54 -10.96
CL CL H . -5.95 -1.67 -14.68
CL CL I . -1.99 10.33 11.54
#